data_7UAH
#
_entry.id   7UAH
#
_cell.length_a   48.843
_cell.length_b   50.638
_cell.length_c   92.688
_cell.angle_alpha   90.000
_cell.angle_beta   93.200
_cell.angle_gamma   90.000
#
_symmetry.space_group_name_H-M   'P 1 21 1'
#
loop_
_entity.id
_entity.type
_entity.pdbx_description
1 polymer Plasminogen
2 non-polymer (6S,9R,19S,22R)-N-{[4-(aminomethyl)phenyl]methyl}-22-[(3-chlorobenzene-1-sulfonyl)amino]-3,12,21-trioxo-2,6,9,13,20-pentaazatetracyclo[22.2.2.2~6,9~.2~14,17~]dotriaconta-1(26),14,16,24,27,29-hexaene-19-carboxamide
3 non-polymer 'SULFATE ION'
4 non-polymer (2~{R})-butane-1,2-diol
5 water water
#
_entity_poly.entity_id   1
_entity_poly.type   'polypeptide(L)'
_entity_poly.pdbx_seq_one_letter_code
;AAPSFDCGKPQVEPKKCPGRVVGGCVAHPHSWPWQVSLRTRFGMHFCGGTLISPEWVLTAAHCLEKSPRPSSYKVILGAH
QEVNLEPHVQEIEVSRLFLEPTRKDIALLKLSSPAVITDKVIPACLPSPNYVVADRTECFITGWGETQGTFGAGLLKEAQ
LPVIENKVCNRYEFLNGRVQSTELCAGHLAGGTDSCQGDAGGPLVCFEKDKYILQGVTSWGLGCARPNKPGVYVRVSRFV
TWIEGVMRNN
;
_entity_poly.pdbx_strand_id   A,B
#
# COMPACT_ATOMS: atom_id res chain seq x y z
N ASP A 6 -14.09 34.00 9.99
CA ASP A 6 -14.88 33.01 10.69
C ASP A 6 -14.64 31.61 10.16
N CYS A 7 -13.92 30.82 10.94
CA CYS A 7 -13.68 29.44 10.57
C CYS A 7 -14.94 28.60 10.74
N GLY A 8 -15.03 27.51 9.98
CA GLY A 8 -16.11 26.51 10.19
C GLY A 8 -17.48 26.86 9.68
N LYS A 9 -17.66 28.08 9.20
CA LYS A 9 -19.03 28.50 8.80
C LYS A 9 -19.09 28.71 7.29
N PRO A 10 -19.65 27.75 6.55
CA PRO A 10 -19.75 27.86 5.10
C PRO A 10 -20.80 28.89 4.64
N GLN A 11 -20.45 29.66 3.61
CA GLN A 11 -21.42 30.63 3.01
C GLN A 11 -22.47 29.83 2.25
N VAL A 12 -22.04 28.77 1.57
CA VAL A 12 -23.02 27.87 0.90
C VAL A 12 -23.29 26.71 1.85
N GLU A 13 -24.51 26.62 2.37
CA GLU A 13 -24.81 25.60 3.40
C GLU A 13 -24.79 24.21 2.79
N PRO A 14 -24.13 23.24 3.45
CA PRO A 14 -24.09 21.89 2.95
C PRO A 14 -25.42 21.15 3.04
N LYS A 15 -25.57 20.11 2.23
CA LYS A 15 -26.77 19.28 2.27
C LYS A 15 -26.38 17.85 2.61
N LYS A 16 -27.22 17.19 3.39
CA LYS A 16 -27.01 15.77 3.65
C LYS A 16 -27.32 14.95 2.40
N CYS A 17 -26.94 13.68 2.43
CA CYS A 17 -27.21 12.77 1.32
C CYS A 17 -28.67 12.31 1.34
N PRO A 18 -29.19 11.81 0.21
CA PRO A 18 -30.57 11.31 0.12
C PRO A 18 -30.87 10.19 1.11
N GLY A 19 -29.85 9.43 1.49
N VAL A 21 -14.55 8.92 -2.48
CA VAL A 21 -15.63 8.54 -1.57
C VAL A 21 -16.45 7.45 -2.24
N VAL A 22 -16.57 6.30 -1.57
CA VAL A 22 -17.44 5.21 -2.00
C VAL A 22 -18.82 5.45 -1.41
N GLY A 23 -19.86 5.31 -2.23
CA GLY A 23 -21.19 5.62 -1.71
C GLY A 23 -21.34 7.11 -1.42
N GLY A 24 -22.13 7.41 -0.40
CA GLY A 24 -22.34 8.82 -0.11
C GLY A 24 -23.00 9.52 -1.28
N CYS A 25 -22.64 10.78 -1.49
CA CYS A 25 -23.29 11.53 -2.54
C CYS A 25 -22.40 12.69 -2.97
N VAL A 26 -22.77 13.33 -4.06
CA VAL A 26 -22.04 14.51 -4.52
C VAL A 26 -22.41 15.69 -3.64
N ALA A 27 -21.39 16.41 -3.18
CA ALA A 27 -21.63 17.55 -2.30
C ALA A 27 -22.35 18.66 -3.04
N HIS A 28 -23.05 19.48 -2.28
CA HIS A 28 -23.54 20.74 -2.80
C HIS A 28 -22.34 21.61 -3.11
N PRO A 29 -22.24 22.19 -4.30
CA PRO A 29 -20.99 22.83 -4.72
C PRO A 29 -20.58 23.96 -3.77
N HIS A 30 -19.33 23.85 -3.27
CA HIS A 30 -18.69 24.85 -2.44
C HIS A 30 -19.26 24.89 -1.03
N SER A 31 -19.99 23.84 -0.63
CA SER A 31 -20.50 23.76 0.74
C SER A 31 -19.44 23.27 1.73
N TRP A 32 -18.27 22.88 1.24
CA TRP A 32 -17.15 22.45 2.09
C TRP A 32 -15.92 23.27 1.71
N PRO A 33 -15.93 24.56 2.06
CA PRO A 33 -14.95 25.50 1.46
C PRO A 33 -13.53 25.36 1.98
N TRP A 34 -13.31 24.53 2.99
CA TRP A 34 -11.94 24.28 3.51
C TRP A 34 -11.31 23.08 2.79
N GLN A 35 -12.07 22.42 1.92
CA GLN A 35 -11.54 21.20 1.25
C GLN A 35 -10.47 21.61 0.25
N VAL A 36 -9.31 20.97 0.34
CA VAL A 36 -8.21 21.28 -0.60
C VAL A 36 -7.89 20.05 -1.45
N SER A 37 -7.37 20.29 -2.66
CA SER A 37 -6.89 19.18 -3.51
C SER A 37 -5.37 19.29 -3.53
N LEU A 38 -4.70 18.24 -3.09
CA LEU A 38 -3.23 18.21 -3.09
C LEU A 38 -2.78 17.61 -4.41
N ARG A 39 -1.92 18.31 -5.11
CA ARG A 39 -1.53 17.86 -6.44
C ARG A 39 -0.03 17.91 -6.62
N THR A 40 0.46 17.06 -7.52
CA THR A 40 1.85 17.11 -7.90
C THR A 40 2.13 18.38 -8.68
N ARG A 41 3.41 18.73 -8.77
CA ARG A 41 3.81 19.88 -9.57
C ARG A 41 3.41 19.71 -11.04
N PHE A 42 2.88 18.55 -11.41
CA PHE A 42 2.40 18.28 -12.76
C PHE A 42 0.88 18.41 -12.90
N GLY A 43 0.13 18.47 -11.80
CA GLY A 43 -1.29 18.78 -11.84
C GLY A 43 -2.22 17.62 -11.53
N MET A 44 -1.68 16.46 -11.15
CA MET A 44 -2.50 15.29 -10.83
C MET A 44 -3.00 15.36 -9.39
N HIS A 45 -4.31 15.22 -9.20
CA HIS A 45 -4.86 15.07 -7.85
C HIS A 45 -4.43 13.73 -7.26
N PHE A 46 -3.97 13.74 -6.02
CA PHE A 46 -3.71 12.46 -5.36
C PHE A 46 -4.09 12.42 -3.89
N CYS A 47 -4.34 13.56 -3.25
CA CYS A 47 -4.68 13.59 -1.84
C CYS A 47 -5.55 14.79 -1.56
N GLY A 48 -6.22 14.73 -0.40
CA GLY A 48 -6.95 15.87 0.12
C GLY A 48 -6.15 16.62 1.18
N GLY A 49 -6.75 17.72 1.64
CA GLY A 49 -6.24 18.47 2.78
C GLY A 49 -7.31 19.42 3.26
N THR A 50 -7.01 20.08 4.38
CA THR A 50 -7.94 21.02 4.99
C THR A 50 -7.24 22.34 5.23
N LEU A 51 -7.82 23.43 4.70
CA LEU A 51 -7.35 24.77 5.02
C LEU A 51 -7.72 25.07 6.47
N ILE A 52 -6.73 25.38 7.30
CA ILE A 52 -7.01 25.71 8.71
C ILE A 52 -6.66 27.15 9.04
N SER A 53 -5.92 27.84 8.18
CA SER A 53 -5.83 29.29 8.20
C SER A 53 -5.34 29.73 6.83
N PRO A 54 -5.37 31.02 6.55
CA PRO A 54 -5.03 31.48 5.19
C PRO A 54 -3.74 30.90 4.64
N GLU A 55 -2.75 30.62 5.49
CA GLU A 55 -1.44 30.15 5.01
C GLU A 55 -1.14 28.70 5.36
N TRP A 56 -2.08 27.96 5.94
CA TRP A 56 -1.77 26.65 6.52
C TRP A 56 -2.80 25.61 6.10
N VAL A 57 -2.32 24.48 5.58
CA VAL A 57 -3.17 23.36 5.20
C VAL A 57 -2.70 22.14 6.01
N LEU A 58 -3.66 21.39 6.54
CA LEU A 58 -3.37 20.16 7.28
C LEU A 58 -3.67 18.98 6.36
N THR A 59 -2.76 18.01 6.29
CA THR A 59 -2.98 16.85 5.45
C THR A 59 -2.37 15.63 6.15
N ALA A 60 -2.32 14.49 5.47
CA ALA A 60 -1.70 13.29 6.03
C ALA A 60 -0.23 13.23 5.63
N ALA A 61 0.62 12.78 6.56
CA ALA A 61 2.05 12.69 6.26
C ALA A 61 2.32 11.72 5.11
N HIS A 62 1.55 10.63 5.03
CA HIS A 62 1.80 9.67 3.97
C HIS A 62 1.55 10.25 2.59
N CYS A 63 0.75 11.31 2.47
CA CYS A 63 0.58 11.99 1.20
C CYS A 63 1.88 12.62 0.70
N LEU A 64 2.86 12.78 1.59
CA LEU A 64 4.11 13.47 1.20
C LEU A 64 5.29 12.49 1.13
N GLU A 65 5.04 11.19 1.25
CA GLU A 65 6.14 10.19 1.34
C GLU A 65 7.02 10.24 0.08
N LYS A 66 6.44 10.50 -1.09
CA LYS A 66 7.24 10.46 -2.34
C LYS A 66 8.32 11.55 -2.35
N SER A 67 7.99 12.76 -1.89
CA SER A 67 8.99 13.87 -2.00
C SER A 67 9.03 14.74 -0.75
N PRO A 68 10.21 15.03 -0.19
CA PRO A 68 10.33 15.96 0.95
C PRO A 68 10.50 17.39 0.47
N ARG A 69 10.38 17.61 -0.84
CA ARG A 69 10.64 18.97 -1.39
C ARG A 69 9.29 19.68 -1.53
N PRO A 70 9.12 20.86 -0.90
CA PRO A 70 7.87 21.59 -0.98
C PRO A 70 7.51 21.90 -2.44
N SER A 71 8.50 22.03 -3.32
CA SER A 71 8.26 22.38 -4.74
C SER A 71 7.46 21.31 -5.48
N SER A 72 7.42 20.10 -4.94
CA SER A 72 6.73 19.00 -5.65
C SER A 72 5.22 19.09 -5.46
N TYR A 73 4.71 20.10 -4.73
CA TYR A 73 3.30 20.10 -4.36
C TYR A 73 2.65 21.44 -4.68
N LYS A 74 1.38 21.39 -5.11
CA LYS A 74 0.56 22.58 -5.23
C LYS A 74 -0.82 22.28 -4.64
N VAL A 75 -1.45 23.32 -4.10
CA VAL A 75 -2.75 23.18 -3.43
C VAL A 75 -3.79 23.90 -4.27
N ILE A 76 -4.93 23.22 -4.50
CA ILE A 76 -6.06 23.80 -5.23
C ILE A 76 -7.18 24.04 -4.24
N LEU A 77 -7.65 25.30 -4.18
CA LEU A 77 -8.70 25.72 -3.25
C LEU A 77 -9.92 26.22 -4.00
N GLY A 78 -11.11 25.96 -3.44
CA GLY A 78 -12.34 26.48 -4.01
C GLY A 78 -12.93 25.64 -5.12
N ALA A 79 -12.49 24.41 -5.28
CA ALA A 79 -12.88 23.58 -6.41
C ALA A 79 -14.10 22.73 -6.08
N HIS A 80 -14.83 22.34 -7.13
CA HIS A 80 -15.81 21.29 -7.08
C HIS A 80 -15.52 20.22 -8.11
N GLN A 81 -15.38 20.59 -9.38
CA GLN A 81 -14.79 19.69 -10.36
C GLN A 81 -13.35 19.37 -10.02
N GLU A 82 -12.95 18.12 -10.26
CA GLU A 82 -11.57 17.70 -10.08
C GLU A 82 -10.71 18.03 -11.31
N VAL A 83 -11.25 17.81 -12.51
CA VAL A 83 -10.44 17.95 -13.72
C VAL A 83 -10.61 19.35 -14.31
N ASN A 84 -11.81 19.66 -14.80
CA ASN A 84 -12.10 20.97 -15.39
C ASN A 84 -12.28 21.98 -14.25
N LEU A 85 -11.15 22.42 -13.71
CA LEU A 85 -11.20 23.33 -12.54
C LEU A 85 -11.96 24.59 -12.90
N GLU A 86 -12.86 25.02 -12.03
CA GLU A 86 -13.63 26.28 -12.27
C GLU A 86 -12.66 27.47 -12.29
N PRO A 87 -13.06 28.66 -12.78
CA PRO A 87 -12.11 29.77 -12.94
C PRO A 87 -11.67 30.48 -11.65
N HIS A 88 -12.57 30.64 -10.69
CA HIS A 88 -12.22 31.36 -9.45
C HIS A 88 -11.42 30.43 -8.51
N VAL A 89 -11.04 29.25 -8.99
CA VAL A 89 -10.22 28.31 -8.17
C VAL A 89 -8.86 28.95 -7.88
N GLN A 90 -8.34 28.78 -6.66
CA GLN A 90 -7.01 29.30 -6.30
C GLN A 90 -6.00 28.17 -6.34
N GLU A 91 -4.88 28.34 -7.05
CA GLU A 91 -3.80 27.33 -7.07
C GLU A 91 -2.58 27.96 -6.42
N ILE A 92 -2.20 27.48 -5.23
CA ILE A 92 -1.10 28.13 -4.48
C ILE A 92 0.02 27.10 -4.28
N GLU A 93 1.27 27.52 -4.44
CA GLU A 93 2.41 26.60 -4.26
C GLU A 93 2.66 26.41 -2.77
N VAL A 94 3.41 25.37 -2.42
CA VAL A 94 3.73 25.09 -1.00
C VAL A 94 5.15 25.59 -0.73
N SER A 95 5.33 26.26 0.38
CA SER A 95 6.64 26.80 0.73
C SER A 95 7.43 25.88 1.65
N ARG A 96 6.78 25.21 2.60
CA ARG A 96 7.47 24.32 3.51
C ARG A 96 6.54 23.20 3.96
N LEU A 97 7.17 22.08 4.34
CA LEU A 97 6.48 20.88 4.82
C LEU A 97 6.87 20.62 6.25
N PHE A 98 5.88 20.30 7.08
CA PHE A 98 6.10 19.97 8.49
C PHE A 98 5.47 18.62 8.79
N LEU A 99 6.28 17.56 8.84
CA LEU A 99 5.80 16.24 9.26
C LEU A 99 5.66 16.21 10.78
N GLU A 100 4.61 15.58 11.27
CA GLU A 100 4.45 15.47 12.71
C GLU A 100 5.66 14.74 13.29
N PRO A 101 6.22 15.21 14.41
CA PRO A 101 7.55 14.74 14.83
C PRO A 101 7.59 13.42 15.55
N THR A 102 6.45 12.80 15.88
CA THR A 102 6.43 11.47 16.47
C THR A 102 5.98 10.42 15.45
N ARG A 103 6.11 10.71 14.16
CA ARG A 103 5.85 9.77 13.07
C ARG A 103 4.36 9.45 12.90
N LYS A 104 3.47 10.29 13.39
N LYS A 104 3.47 10.30 13.37
CA LYS A 104 2.05 10.09 13.14
CA LYS A 104 2.04 10.13 13.14
C LYS A 104 1.68 10.60 11.75
C LYS A 104 1.67 10.62 11.74
N ASP A 105 0.52 10.15 11.25
CA ASP A 105 0.16 10.36 9.84
C ASP A 105 -0.53 11.72 9.61
N ILE A 106 0.17 12.77 10.01
CA ILE A 106 -0.36 14.12 9.89
C ILE A 106 0.80 15.07 9.59
N ALA A 107 0.49 16.14 8.87
CA ALA A 107 1.52 17.05 8.39
C ALA A 107 0.90 18.41 8.09
N LEU A 108 1.70 19.46 8.22
CA LEU A 108 1.32 20.82 7.89
C LEU A 108 2.03 21.27 6.62
N LEU A 109 1.29 21.98 5.77
CA LEU A 109 1.81 22.63 4.58
C LEU A 109 1.72 24.12 4.81
N LYS A 110 2.84 24.83 4.70
CA LYS A 110 2.80 26.29 4.71
C LYS A 110 2.74 26.76 3.26
N LEU A 111 1.69 27.49 2.92
CA LEU A 111 1.50 27.97 1.56
C LEU A 111 2.42 29.16 1.26
N SER A 112 2.79 29.29 -0.03
CA SER A 112 3.68 30.37 -0.45
C SER A 112 3.03 31.74 -0.30
N SER A 113 1.70 31.80 -0.41
CA SER A 113 0.94 33.03 -0.25
C SER A 113 -0.33 32.70 0.50
N PRO A 114 -0.88 33.66 1.26
CA PRO A 114 -2.11 33.37 2.00
C PRO A 114 -3.27 33.21 1.03
N ALA A 115 -4.08 32.16 1.25
CA ALA A 115 -5.27 31.99 0.45
C ALA A 115 -6.19 33.19 0.63
N VAL A 116 -6.90 33.54 -0.43
CA VAL A 116 -7.90 34.61 -0.36
C VAL A 116 -9.20 34.04 0.18
N ILE A 117 -9.66 34.57 1.31
CA ILE A 117 -10.89 34.09 1.91
C ILE A 117 -12.08 34.65 1.13
N THR A 118 -12.95 33.75 0.66
CA THR A 118 -14.11 34.11 -0.14
C THR A 118 -15.30 33.29 0.33
N ASP A 119 -16.41 33.39 -0.41
CA ASP A 119 -17.56 32.53 -0.15
C ASP A 119 -17.25 31.07 -0.41
N LYS A 120 -16.22 30.79 -1.21
CA LYS A 120 -15.91 29.43 -1.63
C LYS A 120 -14.63 28.89 -1.02
N VAL A 121 -13.86 29.73 -0.32
CA VAL A 121 -12.61 29.33 0.32
C VAL A 121 -12.64 29.88 1.74
N ILE A 122 -12.81 29.00 2.72
CA ILE A 122 -12.95 29.37 4.13
C ILE A 122 -12.27 28.31 4.97
N PRO A 123 -11.51 28.66 6.00
CA PRO A 123 -10.84 27.63 6.79
C PRO A 123 -11.80 26.92 7.74
N ALA A 124 -11.45 25.68 8.08
CA ALA A 124 -12.15 24.92 9.11
C ALA A 124 -11.64 25.34 10.49
N CYS A 125 -12.47 25.10 11.52
CA CYS A 125 -12.04 25.35 12.88
C CYS A 125 -11.33 24.14 13.46
N LEU A 126 -10.40 24.39 14.41
CA LEU A 126 -9.71 23.35 15.15
C LEU A 126 -10.41 23.08 16.47
N PRO A 127 -10.33 21.83 16.93
CA PRO A 127 -10.90 21.47 18.24
C PRO A 127 -10.00 21.95 19.37
N SER A 128 -10.54 21.83 20.60
CA SER A 128 -9.73 22.03 21.79
C SER A 128 -8.84 20.80 22.02
N PRO A 129 -7.67 20.98 22.62
CA PRO A 129 -6.79 19.83 22.85
C PRO A 129 -7.48 18.73 23.64
N ASN A 130 -7.28 17.49 23.17
CA ASN A 130 -7.66 16.24 23.83
C ASN A 130 -9.17 16.00 23.88
N TYR A 131 -9.96 16.82 23.21
CA TYR A 131 -11.38 16.50 23.01
C TYR A 131 -11.52 15.15 22.34
N VAL A 132 -12.54 14.38 22.75
CA VAL A 132 -12.76 13.02 22.23
C VAL A 132 -14.14 12.96 21.58
N VAL A 133 -14.22 12.86 20.25
CA VAL A 133 -15.54 12.80 19.63
C VAL A 133 -16.31 11.61 20.17
N ALA A 134 -17.52 11.85 20.65
CA ALA A 134 -18.27 10.82 21.34
C ALA A 134 -18.74 9.73 20.39
N ASP A 135 -18.87 8.53 20.94
CA ASP A 135 -19.40 7.40 20.19
C ASP A 135 -20.72 7.77 19.52
N ARG A 136 -20.83 7.40 18.24
CA ARG A 136 -22.01 7.54 17.38
C ARG A 136 -22.24 8.96 16.88
N THR A 137 -21.31 9.89 17.14
CA THR A 137 -21.46 11.23 16.57
C THR A 137 -21.42 11.14 15.05
N GLU A 138 -22.38 11.77 14.38
CA GLU A 138 -22.42 11.76 12.93
C GLU A 138 -21.57 12.91 12.40
N CYS A 139 -20.49 12.58 11.71
CA CYS A 139 -19.61 13.59 11.12
C CYS A 139 -19.60 13.40 9.63
N PHE A 140 -18.89 14.31 8.96
CA PHE A 140 -18.83 14.25 7.49
C PHE A 140 -17.40 14.08 6.99
N ILE A 141 -17.24 13.25 5.96
CA ILE A 141 -15.91 13.12 5.29
C ILE A 141 -16.13 13.58 3.85
N THR A 142 -15.14 14.23 3.27
CA THR A 142 -15.31 14.78 1.91
C THR A 142 -14.06 14.50 1.08
N GLY A 143 -14.24 14.39 -0.23
CA GLY A 143 -13.05 14.25 -1.09
C GLY A 143 -13.34 13.85 -2.52
N TRP A 144 -12.26 13.71 -3.28
CA TRP A 144 -12.33 13.34 -4.69
C TRP A 144 -11.80 11.93 -4.97
N GLY A 145 -11.64 11.10 -3.95
CA GLY A 145 -11.03 9.80 -4.13
C GLY A 145 -11.91 8.81 -4.88
N GLU A 146 -11.40 7.58 -4.93
CA GLU A 146 -12.06 6.50 -5.66
C GLU A 146 -13.51 6.35 -5.19
N THR A 147 -14.38 6.02 -6.15
CA THR A 147 -15.78 5.77 -5.88
C THR A 147 -16.16 4.29 -5.97
N GLN A 148 -15.26 3.45 -6.47
CA GLN A 148 -15.54 1.98 -6.61
C GLN A 148 -16.94 1.74 -7.20
N GLY A 149 -17.21 2.28 -8.39
CA GLY A 149 -18.52 2.08 -9.04
C GLY A 149 -19.71 2.60 -8.24
N THR A 150 -19.63 3.82 -7.70
CA THR A 150 -20.73 4.36 -6.86
C THR A 150 -21.14 5.74 -7.33
N PHE A 151 -20.63 6.19 -8.48
CA PHE A 151 -21.12 7.47 -9.05
C PHE A 151 -20.47 8.67 -8.36
N GLY A 152 -20.38 9.78 -9.07
CA GLY A 152 -19.79 11.01 -8.50
C GLY A 152 -18.34 11.23 -8.90
N ALA A 153 -17.76 10.27 -9.61
CA ALA A 153 -16.33 10.40 -9.97
C ALA A 153 -16.09 11.75 -10.67
N GLY A 154 -15.03 12.45 -10.27
CA GLY A 154 -14.73 13.74 -10.84
C GLY A 154 -15.36 14.93 -10.14
N LEU A 155 -16.29 14.70 -9.21
CA LEU A 155 -16.92 15.76 -8.44
C LEU A 155 -16.68 15.55 -6.95
N LEU A 156 -16.68 16.64 -6.20
CA LEU A 156 -16.42 16.53 -4.76
C LEU A 156 -17.59 15.79 -4.11
N LYS A 157 -17.28 14.72 -3.38
CA LYS A 157 -18.28 13.91 -2.72
C LYS A 157 -18.18 14.03 -1.21
N GLU A 158 -19.25 13.64 -0.54
CA GLU A 158 -19.34 13.66 0.90
C GLU A 158 -19.99 12.36 1.38
N ALA A 159 -19.77 12.05 2.65
CA ALA A 159 -20.48 10.96 3.30
C ALA A 159 -20.61 11.30 4.76
N GLN A 160 -21.75 10.97 5.34
CA GLN A 160 -22.03 11.19 6.75
C GLN A 160 -21.84 9.86 7.46
N LEU A 161 -20.87 9.81 8.38
CA LEU A 161 -20.47 8.57 8.99
C LEU A 161 -20.54 8.71 10.51
N PRO A 162 -20.94 7.66 11.22
CA PRO A 162 -20.90 7.71 12.69
C PRO A 162 -19.52 7.36 13.21
N VAL A 163 -19.10 8.11 14.23
CA VAL A 163 -17.89 7.77 14.96
C VAL A 163 -18.11 6.50 15.77
N ILE A 164 -17.10 5.66 15.83
CA ILE A 164 -17.10 4.43 16.62
C ILE A 164 -15.99 4.58 17.65
N GLU A 165 -16.34 4.54 18.92
CA GLU A 165 -15.34 4.79 19.96
C GLU A 165 -14.20 3.76 19.87
N ASN A 166 -12.99 4.20 20.20
CA ASN A 166 -11.79 3.37 19.99
C ASN A 166 -11.89 2.04 20.71
N LYS A 167 -12.45 2.02 21.94
CA LYS A 167 -12.54 0.77 22.67
C LYS A 167 -13.34 -0.28 21.90
N VAL A 168 -14.35 0.14 21.15
CA VAL A 168 -15.11 -0.80 20.33
C VAL A 168 -14.39 -1.10 19.02
N CYS A 169 -13.88 -0.05 18.37
N CYS A 169 -13.91 -0.07 18.32
CA CYS A 169 -13.22 -0.20 17.09
CA CYS A 169 -13.31 -0.38 17.02
C CYS A 169 -12.05 -1.16 17.18
C CYS A 169 -11.98 -1.12 17.13
N ASN A 170 -11.39 -1.22 18.34
CA ASN A 170 -10.22 -2.07 18.52
C ASN A 170 -10.57 -3.54 18.81
N ARG A 171 -11.84 -3.88 18.98
CA ARG A 171 -12.20 -5.27 19.22
C ARG A 171 -11.87 -6.15 18.01
N TYR A 172 -11.77 -7.46 18.29
CA TYR A 172 -11.47 -8.43 17.24
C TYR A 172 -12.46 -8.34 16.09
N GLU A 173 -13.74 -8.11 16.40
CA GLU A 173 -14.74 -8.04 15.34
C GLU A 173 -14.49 -6.90 14.35
N PHE A 174 -13.74 -5.87 14.74
CA PHE A 174 -13.52 -4.73 13.87
C PHE A 174 -12.05 -4.66 13.52
N LEU A 175 -11.26 -3.78 14.14
CA LEU A 175 -9.89 -3.54 13.70
C LEU A 175 -8.84 -4.17 14.61
N ASN A 176 -9.26 -4.93 15.63
CA ASN A 176 -8.40 -5.90 16.33
C ASN A 176 -7.07 -5.29 16.77
N GLY A 177 -7.17 -4.24 17.59
CA GLY A 177 -6.03 -3.66 18.30
C GLY A 177 -5.17 -2.73 17.49
N ARG A 178 -5.56 -2.42 16.25
CA ARG A 178 -4.72 -1.62 15.38
C ARG A 178 -4.80 -0.11 15.60
N VAL A 179 -5.79 0.39 16.35
CA VAL A 179 -6.09 1.82 16.39
C VAL A 179 -5.47 2.45 17.64
N GLN A 180 -4.72 3.54 17.44
CA GLN A 180 -4.04 4.24 18.51
C GLN A 180 -4.96 5.29 19.11
N SER A 181 -4.64 5.72 20.35
CA SER A 181 -5.46 6.76 20.99
C SER A 181 -5.40 8.07 20.22
N THR A 182 -4.35 8.24 19.41
CA THR A 182 -4.17 9.46 18.57
C THR A 182 -4.92 9.29 17.25
N GLU A 183 -5.75 8.27 17.16
CA GLU A 183 -6.61 8.07 15.97
C GLU A 183 -8.06 7.89 16.41
N LEU A 184 -8.99 8.05 15.47
CA LEU A 184 -10.41 7.77 15.77
C LEU A 184 -10.98 6.91 14.62
N CYS A 185 -12.09 6.24 14.89
CA CYS A 185 -12.72 5.39 13.86
C CYS A 185 -14.09 5.95 13.47
N ALA A 186 -14.43 5.84 12.19
CA ALA A 186 -15.75 6.26 11.75
C ALA A 186 -16.16 5.44 10.56
N GLY A 187 -17.45 5.08 10.53
CA GLY A 187 -17.96 4.42 9.34
C GLY A 187 -19.19 3.63 9.64
N HIS A 188 -19.86 3.22 8.57
CA HIS A 188 -21.02 2.35 8.65
C HIS A 188 -20.55 0.91 8.62
N LEU A 189 -20.88 0.17 9.67
CA LEU A 189 -20.35 -1.19 9.82
C LEU A 189 -20.97 -2.16 8.83
N ALA A 190 -22.15 -1.84 8.28
CA ALA A 190 -22.69 -2.67 7.21
C ALA A 190 -21.93 -2.51 5.90
N GLY A 191 -21.04 -1.51 5.80
CA GLY A 191 -20.29 -1.25 4.59
C GLY A 191 -21.08 -0.41 3.59
N GLY A 192 -20.43 -0.11 2.47
CA GLY A 192 -21.07 0.53 1.34
C GLY A 192 -20.73 2.00 1.17
N THR A 193 -20.30 2.67 2.23
CA THR A 193 -20.03 4.12 2.23
C THR A 193 -18.74 4.37 3.00
N ASP A 194 -17.77 5.01 2.36
CA ASP A 194 -16.51 5.21 3.05
C ASP A 194 -15.66 6.19 2.27
N SER A 195 -14.69 6.80 2.96
CA SER A 195 -13.59 7.43 2.25
C SER A 195 -12.70 6.35 1.63
N CYS A 196 -11.87 6.75 0.68
CA CYS A 196 -11.04 5.75 0.01
C CYS A 196 -9.77 6.41 -0.49
N GLN A 197 -8.98 5.65 -1.24
CA GLN A 197 -7.79 6.21 -1.84
C GLN A 197 -8.15 7.44 -2.66
N GLY A 198 -7.32 8.47 -2.55
CA GLY A 198 -7.60 9.76 -3.14
C GLY A 198 -8.21 10.74 -2.17
N ASP A 199 -8.83 10.24 -1.10
CA ASP A 199 -9.40 11.06 -0.04
C ASP A 199 -8.44 11.28 1.12
N ALA A 200 -7.34 10.51 1.17
CA ALA A 200 -6.41 10.60 2.30
C ALA A 200 -5.94 12.03 2.47
N GLY A 201 -5.76 12.42 3.71
CA GLY A 201 -5.34 13.76 4.03
C GLY A 201 -6.47 14.76 4.15
N GLY A 202 -7.65 14.34 3.69
CA GLY A 202 -8.80 15.24 3.69
C GLY A 202 -9.47 15.31 5.04
N PRO A 203 -10.53 16.11 5.18
CA PRO A 203 -11.13 16.30 6.48
C PRO A 203 -12.25 15.39 6.97
N LEU A 204 -12.30 15.21 8.29
CA LEU A 204 -13.48 14.59 8.92
C LEU A 204 -13.95 15.71 9.85
N VAL A 205 -15.11 16.29 9.55
CA VAL A 205 -15.60 17.45 10.31
C VAL A 205 -16.87 17.09 11.06
N CYS A 206 -17.04 17.72 12.22
CA CYS A 206 -18.28 17.49 13.00
C CYS A 206 -18.95 18.84 13.30
N PHE A 207 -20.28 18.87 13.20
CA PHE A 207 -21.03 20.11 13.49
C PHE A 207 -21.13 20.31 15.01
N GLU A 208 -20.64 21.46 15.48
CA GLU A 208 -20.63 21.76 16.93
C GLU A 208 -21.27 23.14 17.17
N LYS A 209 -22.51 23.14 17.64
CA LYS A 209 -23.24 24.38 17.97
C LYS A 209 -23.66 25.14 16.70
N ASP A 210 -22.71 25.69 15.95
CA ASP A 210 -23.07 26.55 14.81
C ASP A 210 -22.01 26.52 13.71
N LYS A 211 -21.05 25.61 13.78
CA LYS A 211 -19.98 25.59 12.79
C LYS A 211 -19.35 24.21 12.78
N TYR A 212 -18.53 23.97 11.76
CA TYR A 212 -17.86 22.69 11.59
C TYR A 212 -16.44 22.71 12.15
N ILE A 213 -16.11 21.67 12.91
CA ILE A 213 -14.82 21.54 13.57
C ILE A 213 -14.08 20.37 12.92
N LEU A 214 -12.81 20.57 12.57
CA LEU A 214 -11.98 19.52 11.99
C LEU A 214 -11.55 18.56 13.09
N GLN A 215 -12.10 17.35 13.09
CA GLN A 215 -11.77 16.39 14.13
C GLN A 215 -10.88 15.25 13.65
N GLY A 216 -10.84 14.97 12.35
CA GLY A 216 -10.01 13.89 11.87
C GLY A 216 -9.38 14.23 10.54
N VAL A 217 -8.28 13.55 10.26
CA VAL A 217 -7.62 13.59 8.96
C VAL A 217 -7.67 12.17 8.40
N THR A 218 -8.24 12.02 7.21
CA THR A 218 -8.40 10.70 6.60
C THR A 218 -7.02 10.04 6.42
N SER A 219 -6.86 8.82 6.96
CA SER A 219 -5.54 8.21 7.06
C SER A 219 -5.49 6.84 6.39
N TRP A 220 -6.17 5.84 6.94
CA TRP A 220 -6.02 4.47 6.44
C TRP A 220 -7.27 3.67 6.75
N GLY A 221 -7.33 2.47 6.20
CA GLY A 221 -8.38 1.52 6.53
C GLY A 221 -8.01 0.17 6.00
N LEU A 222 -8.72 -0.85 6.48
CA LEU A 222 -8.65 -2.18 5.88
C LEU A 222 -9.62 -2.18 4.72
N GLY A 223 -9.10 -1.83 3.55
CA GLY A 223 -9.97 -1.62 2.41
C GLY A 223 -10.81 -0.36 2.57
N CYS A 224 -11.84 -0.28 1.72
CA CYS A 224 -12.82 0.80 1.73
C CYS A 224 -14.22 0.21 1.74
N ALA A 225 -15.06 0.71 2.64
CA ALA A 225 -16.50 0.41 2.62
C ALA A 225 -16.80 -1.07 2.83
N ARG A 226 -15.87 -1.80 3.44
CA ARG A 226 -16.13 -3.21 3.71
C ARG A 226 -16.87 -3.35 5.04
N PRO A 227 -17.66 -4.42 5.20
CA PRO A 227 -18.37 -4.61 6.47
C PRO A 227 -17.40 -4.75 7.65
N ASN A 228 -17.76 -4.11 8.77
CA ASN A 228 -17.02 -4.21 10.03
C ASN A 228 -15.62 -3.65 9.95
N LYS A 229 -15.35 -2.80 8.97
CA LYS A 229 -14.01 -2.24 8.77
C LYS A 229 -14.13 -0.73 8.59
N PRO A 230 -14.37 -0.01 9.68
CA PRO A 230 -14.51 1.45 9.58
C PRO A 230 -13.17 2.11 9.28
N GLY A 231 -13.25 3.27 8.65
CA GLY A 231 -12.04 4.03 8.36
C GLY A 231 -11.39 4.58 9.61
N VAL A 232 -10.07 4.79 9.52
CA VAL A 232 -9.27 5.33 10.62
C VAL A 232 -8.73 6.71 10.23
N TYR A 233 -8.85 7.64 11.18
CA TYR A 233 -8.54 9.05 10.97
C TYR A 233 -7.59 9.50 12.05
N VAL A 234 -6.63 10.36 11.72
CA VAL A 234 -5.83 10.95 12.78
C VAL A 234 -6.70 11.87 13.62
N ARG A 235 -6.60 11.73 14.94
CA ARG A 235 -7.42 12.48 15.90
C ARG A 235 -6.83 13.88 16.09
N VAL A 236 -7.40 14.87 15.40
CA VAL A 236 -6.79 16.19 15.33
C VAL A 236 -6.61 16.80 16.72
N SER A 237 -7.54 16.55 17.64
CA SER A 237 -7.43 17.19 18.95
C SER A 237 -6.15 16.82 19.69
N ARG A 238 -5.50 15.71 19.34
CA ARG A 238 -4.26 15.32 20.00
C ARG A 238 -3.03 15.98 19.39
N PHE A 239 -3.22 16.79 18.35
CA PHE A 239 -2.14 17.48 17.68
C PHE A 239 -2.34 18.98 17.61
N VAL A 240 -3.40 19.50 18.24
CA VAL A 240 -3.67 20.94 18.17
C VAL A 240 -2.54 21.76 18.79
N THR A 241 -2.00 21.30 19.93
CA THR A 241 -0.93 22.08 20.54
C THR A 241 0.31 22.12 19.65
N TRP A 242 0.63 21.00 19.00
CA TRP A 242 1.76 20.97 18.06
C TRP A 242 1.49 21.89 16.88
N ILE A 243 0.30 21.79 16.30
CA ILE A 243 -0.08 22.61 15.16
C ILE A 243 0.06 24.10 15.50
N GLU A 244 -0.47 24.50 16.64
CA GLU A 244 -0.43 25.90 17.00
C GLU A 244 1.00 26.38 17.21
N GLY A 245 1.86 25.53 17.78
CA GLY A 245 3.25 25.90 17.95
C GLY A 245 3.98 26.08 16.63
N VAL A 246 3.67 25.21 15.65
CA VAL A 246 4.30 25.35 14.34
C VAL A 246 3.84 26.65 13.66
N MET A 247 2.54 26.93 13.66
CA MET A 247 2.07 28.19 13.08
C MET A 247 2.68 29.41 13.80
N ARG A 248 2.80 29.35 15.12
CA ARG A 248 3.28 30.52 15.88
C ARG A 248 4.76 30.78 15.63
N ASN A 249 5.54 29.74 15.42
CA ASN A 249 6.99 29.85 15.30
C ASN A 249 7.49 29.83 13.88
N ASN A 250 6.60 29.82 12.90
CA ASN A 250 6.99 29.82 11.49
C ASN A 250 6.11 30.77 10.70
N ALA B 1 0.68 -27.45 -31.09
CA ALA B 1 1.64 -27.01 -32.09
C ALA B 1 1.67 -25.48 -32.19
N ALA B 2 0.65 -24.81 -31.69
CA ALA B 2 0.61 -23.35 -31.79
C ALA B 2 1.68 -22.71 -30.91
N PRO B 3 2.09 -21.48 -31.22
CA PRO B 3 3.17 -20.85 -30.46
C PRO B 3 2.75 -20.59 -29.02
N SER B 4 3.65 -20.88 -28.08
CA SER B 4 3.39 -20.66 -26.67
C SER B 4 4.19 -19.45 -26.18
N PHE B 5 4.19 -19.21 -24.86
CA PHE B 5 4.81 -18.01 -24.32
C PHE B 5 6.30 -18.23 -24.03
N ASP B 6 7.09 -17.16 -24.19
CA ASP B 6 8.48 -17.15 -23.78
C ASP B 6 8.52 -16.90 -22.28
N CYS B 7 9.41 -17.58 -21.57
CA CYS B 7 9.54 -17.37 -20.12
C CYS B 7 10.93 -16.83 -19.78
N GLY B 8 10.99 -16.12 -18.65
CA GLY B 8 12.27 -15.76 -18.03
C GLY B 8 13.06 -14.66 -18.70
N LYS B 9 12.51 -14.01 -19.73
CA LYS B 9 13.23 -12.98 -20.50
C LYS B 9 12.45 -11.68 -20.41
N PRO B 10 12.86 -10.76 -19.55
CA PRO B 10 12.10 -9.52 -19.39
C PRO B 10 12.29 -8.60 -20.59
N GLN B 11 11.18 -7.98 -20.99
CA GLN B 11 11.26 -7.01 -22.07
C GLN B 11 11.85 -5.69 -21.59
N VAL B 12 11.74 -5.39 -20.29
CA VAL B 12 12.44 -4.28 -19.64
C VAL B 12 13.64 -4.86 -18.90
N GLU B 13 14.85 -4.45 -19.27
CA GLU B 13 16.05 -5.10 -18.73
C GLU B 13 16.28 -4.71 -17.27
N PRO B 14 16.48 -5.68 -16.36
CA PRO B 14 16.83 -5.35 -14.98
C PRO B 14 18.10 -4.53 -14.86
N LYS B 15 18.17 -3.75 -13.77
CA LYS B 15 19.37 -3.03 -13.36
C LYS B 15 19.82 -3.54 -12.01
N LYS B 16 21.13 -3.57 -11.81
CA LYS B 16 21.67 -3.87 -10.50
C LYS B 16 21.53 -2.67 -9.58
N CYS B 17 21.83 -2.87 -8.34
CA CYS B 17 21.74 -1.77 -7.39
C CYS B 17 22.92 -0.81 -7.55
N PRO B 18 22.82 0.42 -7.01
CA PRO B 18 23.90 1.39 -7.18
C PRO B 18 25.24 0.88 -6.69
N GLY B 19 26.27 1.12 -7.50
CA GLY B 19 27.62 0.74 -7.16
C GLY B 19 27.96 -0.71 -7.43
N ARG B 20 27.04 -1.48 -8.01
CA ARG B 20 27.27 -2.89 -8.29
C ARG B 20 27.41 -3.09 -9.80
N VAL B 21 11.89 -5.86 1.38
CA VAL B 21 13.33 -6.03 1.16
C VAL B 21 14.02 -4.99 2.02
N VAL B 22 14.91 -5.44 2.90
CA VAL B 22 15.75 -4.56 3.71
C VAL B 22 17.03 -4.31 2.93
N GLY B 23 17.46 -3.04 2.88
CA GLY B 23 18.61 -2.75 2.05
C GLY B 23 18.26 -2.91 0.59
N GLY B 24 19.26 -3.29 -0.21
CA GLY B 24 18.95 -3.45 -1.61
C GLY B 24 18.63 -2.11 -2.26
N CYS B 25 17.75 -2.14 -3.26
CA CYS B 25 17.41 -0.93 -3.97
C CYS B 25 16.06 -1.10 -4.64
N VAL B 26 15.52 0.01 -5.12
CA VAL B 26 14.31 -0.01 -5.92
C VAL B 26 14.63 -0.56 -7.30
N ALA B 27 13.80 -1.49 -7.76
CA ALA B 27 14.00 -2.10 -9.08
C ALA B 27 13.68 -1.13 -10.19
N HIS B 28 14.28 -1.36 -11.34
CA HIS B 28 13.88 -0.68 -12.57
C HIS B 28 12.45 -1.11 -12.89
N PRO B 29 11.51 -0.18 -13.05
CA PRO B 29 10.10 -0.58 -13.12
C PRO B 29 9.84 -1.60 -14.22
N HIS B 30 9.13 -2.67 -13.84
CA HIS B 30 8.65 -3.72 -14.74
C HIS B 30 9.75 -4.61 -15.28
N SER B 31 10.95 -4.56 -14.66
CA SER B 31 12.03 -5.45 -15.06
C SER B 31 11.97 -6.81 -14.39
N TRP B 32 11.00 -7.03 -13.48
CA TRP B 32 10.78 -8.34 -12.87
C TRP B 32 9.33 -8.71 -13.14
N PRO B 33 9.01 -8.97 -14.41
CA PRO B 33 7.59 -9.00 -14.83
C PRO B 33 6.83 -10.22 -14.38
N TRP B 34 7.50 -11.13 -13.68
CA TRP B 34 6.82 -12.33 -13.12
C TRP B 34 6.46 -12.07 -11.65
N GLN B 35 6.90 -10.93 -11.12
CA GLN B 35 6.64 -10.63 -9.69
C GLN B 35 5.14 -10.42 -9.49
N VAL B 36 4.59 -11.09 -8.47
CA VAL B 36 3.15 -10.96 -8.18
C VAL B 36 2.96 -10.36 -6.78
N SER B 37 1.91 -9.54 -6.62
CA SER B 37 1.54 -9.09 -5.27
C SER B 37 0.32 -9.90 -4.84
N LEU B 38 0.42 -10.63 -3.73
CA LEU B 38 -0.73 -11.40 -3.18
C LEU B 38 -1.43 -10.48 -2.19
N ARG B 39 -2.71 -10.27 -2.41
CA ARG B 39 -3.47 -9.33 -1.59
C ARG B 39 -4.66 -10.02 -0.97
N THR B 40 -5.06 -9.51 0.20
CA THR B 40 -6.31 -9.93 0.79
C THR B 40 -7.48 -9.49 -0.08
N ARG B 41 -8.65 -10.01 0.26
CA ARG B 41 -9.84 -9.65 -0.50
C ARG B 41 -10.10 -8.15 -0.42
N PHE B 42 -9.69 -7.49 0.67
CA PHE B 42 -9.89 -6.04 0.78
C PHE B 42 -8.70 -5.23 0.26
N GLY B 43 -7.75 -5.86 -0.42
CA GLY B 43 -6.75 -5.17 -1.20
C GLY B 43 -5.41 -4.93 -0.55
N MET B 44 -5.12 -5.57 0.58
CA MET B 44 -3.87 -5.30 1.28
CA MET B 44 -3.89 -5.32 1.31
C MET B 44 -2.81 -6.33 0.88
N HIS B 45 -1.66 -5.81 0.43
CA HIS B 45 -0.54 -6.67 0.10
C HIS B 45 -0.02 -7.35 1.37
N PHE B 46 0.25 -8.65 1.28
CA PHE B 46 0.89 -9.32 2.42
C PHE B 46 1.94 -10.35 2.02
N CYS B 47 2.03 -10.72 0.75
CA CYS B 47 2.99 -11.73 0.33
C CYS B 47 3.32 -11.51 -1.14
N GLY B 48 4.40 -12.13 -1.58
CA GLY B 48 4.73 -12.18 -2.99
C GLY B 48 4.32 -13.50 -3.64
N GLY B 49 4.57 -13.58 -4.93
CA GLY B 49 4.37 -14.79 -5.70
C GLY B 49 5.10 -14.62 -7.00
N THR B 50 5.16 -15.70 -7.78
CA THR B 50 5.81 -15.70 -9.10
C THR B 50 4.85 -16.29 -10.13
N LEU B 51 4.58 -15.52 -11.18
CA LEU B 51 3.84 -16.07 -12.33
C LEU B 51 4.71 -17.11 -13.04
N ILE B 52 4.21 -18.34 -13.17
CA ILE B 52 4.96 -19.38 -13.87
C ILE B 52 4.28 -19.86 -15.14
N SER B 53 3.04 -19.45 -15.38
CA SER B 53 2.35 -19.59 -16.66
C SER B 53 1.16 -18.65 -16.57
N PRO B 54 0.49 -18.40 -17.69
CA PRO B 54 -0.58 -17.38 -17.62
C PRO B 54 -1.64 -17.66 -16.55
N GLU B 55 -1.90 -18.92 -16.19
CA GLU B 55 -2.95 -19.25 -15.24
C GLU B 55 -2.44 -19.64 -13.86
N TRP B 56 -1.14 -19.63 -13.63
CA TRP B 56 -0.58 -20.26 -12.42
C TRP B 56 0.45 -19.37 -11.74
N VAL B 57 0.29 -19.21 -10.44
CA VAL B 57 1.20 -18.45 -9.58
C VAL B 57 1.75 -19.39 -8.51
N LEU B 58 3.07 -19.33 -8.28
CA LEU B 58 3.74 -20.08 -7.23
C LEU B 58 4.00 -19.14 -6.06
N THR B 59 3.69 -19.60 -4.86
CA THR B 59 3.89 -18.78 -3.67
C THR B 59 4.29 -19.69 -2.51
N ALA B 60 4.37 -19.14 -1.31
CA ALA B 60 4.66 -19.94 -0.12
C ALA B 60 3.38 -20.40 0.54
N ALA B 61 3.37 -21.65 1.01
CA ALA B 61 2.16 -22.16 1.66
C ALA B 61 1.80 -21.38 2.92
N HIS B 62 2.80 -20.89 3.66
CA HIS B 62 2.50 -20.16 4.88
C HIS B 62 1.73 -18.87 4.61
N CYS B 63 1.86 -18.32 3.41
CA CYS B 63 1.08 -17.15 3.04
C CYS B 63 -0.41 -17.43 3.04
N LEU B 64 -0.80 -18.68 2.85
CA LEU B 64 -2.20 -19.07 2.75
C LEU B 64 -2.77 -19.62 4.07
N GLU B 65 -2.01 -19.55 5.16
CA GLU B 65 -2.40 -20.24 6.39
C GLU B 65 -3.66 -19.67 7.02
N LYS B 66 -4.03 -18.42 6.73
CA LYS B 66 -5.18 -17.82 7.41
C LYS B 66 -6.51 -18.23 6.77
N SER B 67 -6.51 -18.68 5.52
CA SER B 67 -7.79 -19.04 4.92
C SER B 67 -7.59 -20.08 3.82
N PRO B 68 -8.38 -21.16 3.83
CA PRO B 68 -8.33 -22.13 2.73
C PRO B 68 -9.20 -21.74 1.55
N ARG B 69 -9.88 -20.59 1.61
CA ARG B 69 -10.86 -20.22 0.59
C ARG B 69 -10.17 -19.44 -0.52
N PRO B 70 -10.25 -19.88 -1.78
CA PRO B 70 -9.64 -19.09 -2.86
C PRO B 70 -10.13 -17.66 -2.91
N SER B 71 -11.41 -17.43 -2.57
CA SER B 71 -12.00 -16.09 -2.59
C SER B 71 -11.38 -15.15 -1.57
N SER B 72 -10.54 -15.65 -0.67
CA SER B 72 -9.86 -14.78 0.27
C SER B 72 -8.68 -14.02 -0.35
N TYR B 73 -8.31 -14.34 -1.59
CA TYR B 73 -7.06 -13.86 -2.17
C TYR B 73 -7.28 -13.23 -3.54
N LYS B 74 -6.44 -12.23 -3.84
CA LYS B 74 -6.45 -11.65 -5.19
C LYS B 74 -4.99 -11.44 -5.59
N VAL B 75 -4.72 -11.46 -6.90
CA VAL B 75 -3.33 -11.31 -7.39
C VAL B 75 -3.19 -10.04 -8.23
N ILE B 76 -2.12 -9.28 -7.99
CA ILE B 76 -1.81 -8.09 -8.81
C ILE B 76 -0.57 -8.39 -9.65
N LEU B 77 -0.72 -8.29 -10.97
CA LEU B 77 0.34 -8.55 -11.92
C LEU B 77 0.72 -7.26 -12.63
N GLY B 78 2.01 -7.10 -12.93
CA GLY B 78 2.48 -5.95 -13.73
C GLY B 78 2.72 -4.69 -12.93
N ALA B 79 2.85 -4.83 -11.62
CA ALA B 79 2.94 -3.63 -10.76
C ALA B 79 4.37 -3.22 -10.43
N HIS B 80 4.55 -1.92 -10.16
CA HIS B 80 5.85 -1.43 -9.63
C HIS B 80 5.48 -0.75 -8.31
N GLN B 81 4.53 0.18 -8.40
CA GLN B 81 4.03 0.83 -7.19
C GLN B 81 2.90 -0.03 -6.63
N GLU B 82 3.02 -0.49 -5.40
CA GLU B 82 1.89 -1.22 -4.77
C GLU B 82 0.83 -0.18 -4.37
N VAL B 83 -0.38 -0.26 -4.93
CA VAL B 83 -1.47 0.70 -4.63
C VAL B 83 -2.73 0.20 -5.36
N ASN B 84 -3.92 0.75 -5.09
CA ASN B 84 -5.10 0.26 -5.86
C ASN B 84 -5.31 1.10 -7.14
N LEU B 85 -5.64 0.43 -8.26
CA LEU B 85 -5.85 1.12 -9.57
C LEU B 85 -4.54 1.68 -10.13
N GLU B 86 -3.40 1.06 -9.81
CA GLU B 86 -2.14 1.54 -10.46
C GLU B 86 -2.30 1.33 -11.96
N PRO B 87 -2.00 2.33 -12.81
CA PRO B 87 -2.24 2.19 -14.24
C PRO B 87 -1.63 0.94 -14.87
N HIS B 88 -2.39 0.25 -15.74
CA HIS B 88 -1.83 -0.89 -16.52
C HIS B 88 -1.76 -2.18 -15.71
N VAL B 89 -2.14 -2.17 -14.43
CA VAL B 89 -1.95 -3.43 -13.68
C VAL B 89 -3.09 -4.40 -13.95
N GLN B 90 -2.79 -5.70 -13.88
CA GLN B 90 -3.85 -6.71 -14.02
C GLN B 90 -4.22 -7.22 -12.63
N GLU B 91 -5.50 -7.17 -12.28
CA GLU B 91 -5.98 -7.74 -11.00
C GLU B 91 -6.80 -8.98 -11.33
N ILE B 92 -6.43 -10.12 -10.76
CA ILE B 92 -7.11 -11.39 -11.10
C ILE B 92 -7.47 -12.11 -9.81
N GLU B 93 -8.68 -12.65 -9.78
CA GLU B 93 -9.10 -13.41 -8.59
C GLU B 93 -8.44 -14.78 -8.60
N VAL B 94 -8.48 -15.46 -7.46
CA VAL B 94 -7.92 -16.83 -7.35
C VAL B 94 -9.08 -17.83 -7.35
N SER B 95 -8.93 -18.91 -8.12
CA SER B 95 -10.02 -19.92 -8.21
C SER B 95 -9.70 -21.16 -7.38
N ARG B 96 -8.44 -21.54 -7.25
CA ARG B 96 -8.12 -22.77 -6.51
C ARG B 96 -6.74 -22.68 -5.85
N LEU B 97 -6.63 -23.28 -4.67
CA LEU B 97 -5.34 -23.32 -3.93
C LEU B 97 -4.86 -24.76 -3.90
N PHE B 98 -3.57 -24.96 -4.12
CA PHE B 98 -2.95 -26.28 -4.05
C PHE B 98 -1.73 -26.18 -3.13
N LEU B 99 -1.88 -26.61 -1.89
CA LEU B 99 -0.74 -26.68 -0.98
C LEU B 99 0.11 -27.90 -1.30
N GLU B 100 1.42 -27.76 -1.22
CA GLU B 100 2.28 -28.91 -1.42
C GLU B 100 1.94 -30.00 -0.41
N PRO B 101 1.78 -31.26 -0.84
CA PRO B 101 1.14 -32.26 0.02
C PRO B 101 1.99 -32.79 1.17
N THR B 102 3.30 -32.58 1.19
CA THR B 102 4.09 -33.02 2.33
C THR B 102 4.41 -31.88 3.29
N ARG B 103 3.63 -30.80 3.26
CA ARG B 103 3.71 -29.73 4.24
C ARG B 103 4.93 -28.83 4.03
N LYS B 104 5.57 -28.89 2.87
N LYS B 104 5.55 -28.87 2.85
CA LYS B 104 6.63 -27.93 2.59
CA LYS B 104 6.62 -27.94 2.56
C LYS B 104 6.02 -26.56 2.32
C LYS B 104 6.04 -26.56 2.20
N ASP B 105 6.86 -25.53 2.38
CA ASP B 105 6.36 -24.14 2.34
C ASP B 105 6.23 -23.61 0.92
N ILE B 106 5.37 -24.27 0.13
CA ILE B 106 5.20 -23.93 -1.27
C ILE B 106 3.79 -24.32 -1.68
N ALA B 107 3.20 -23.51 -2.56
CA ALA B 107 1.80 -23.66 -2.96
C ALA B 107 1.57 -23.07 -4.35
N LEU B 108 0.58 -23.61 -5.06
CA LEU B 108 0.15 -23.09 -6.35
C LEU B 108 -1.21 -22.41 -6.21
N LEU B 109 -1.37 -21.28 -6.91
CA LEU B 109 -2.64 -20.61 -7.06
C LEU B 109 -3.07 -20.72 -8.52
N LYS B 110 -4.27 -21.24 -8.77
CA LYS B 110 -4.81 -21.20 -10.13
C LYS B 110 -5.67 -19.95 -10.24
N LEU B 111 -5.32 -19.08 -11.19
CA LEU B 111 -6.02 -17.82 -11.36
C LEU B 111 -7.39 -18.01 -12.00
N SER B 112 -8.28 -17.06 -11.74
CA SER B 112 -9.64 -17.14 -12.27
C SER B 112 -9.70 -16.89 -13.79
N SER B 113 -8.67 -16.26 -14.34
CA SER B 113 -8.53 -16.09 -15.78
C SER B 113 -7.05 -16.06 -16.09
N PRO B 114 -6.67 -16.35 -17.33
CA PRO B 114 -5.25 -16.28 -17.69
C PRO B 114 -4.76 -14.83 -17.72
N ALA B 115 -3.61 -14.60 -17.13
CA ALA B 115 -2.95 -13.31 -17.30
C ALA B 115 -2.73 -13.05 -18.77
N VAL B 116 -2.84 -11.78 -19.16
CA VAL B 116 -2.46 -11.35 -20.49
C VAL B 116 -0.97 -11.07 -20.51
N ILE B 117 -0.24 -11.77 -21.36
CA ILE B 117 1.20 -11.54 -21.41
C ILE B 117 1.45 -10.23 -22.15
N THR B 118 2.28 -9.37 -21.54
CA THR B 118 2.62 -8.06 -22.08
C THR B 118 4.08 -7.79 -21.76
N ASP B 119 4.58 -6.62 -22.19
CA ASP B 119 5.95 -6.27 -21.82
C ASP B 119 6.13 -6.20 -20.30
N LYS B 120 5.04 -6.02 -19.53
CA LYS B 120 5.12 -5.89 -18.08
C LYS B 120 4.71 -7.15 -17.32
N VAL B 121 4.22 -8.17 -18.00
CA VAL B 121 3.69 -9.37 -17.36
C VAL B 121 4.17 -10.55 -18.18
N ILE B 122 5.13 -11.30 -17.63
CA ILE B 122 5.86 -12.37 -18.33
C ILE B 122 6.18 -13.45 -17.30
N PRO B 123 5.93 -14.73 -17.58
CA PRO B 123 6.22 -15.76 -16.58
C PRO B 123 7.70 -16.02 -16.42
N ALA B 124 8.09 -16.47 -15.23
CA ALA B 124 9.43 -16.96 -14.97
C ALA B 124 9.58 -18.37 -15.49
N CYS B 125 10.83 -18.77 -15.74
CA CYS B 125 11.15 -20.14 -16.11
C CYS B 125 11.36 -21.04 -14.89
N LEU B 126 10.88 -22.31 -14.99
CA LEU B 126 11.16 -23.29 -13.95
C LEU B 126 12.47 -24.02 -14.24
N PRO B 127 13.17 -24.48 -13.20
CA PRO B 127 14.39 -25.26 -13.41
C PRO B 127 14.08 -26.71 -13.75
N SER B 128 15.13 -27.43 -14.14
CA SER B 128 14.97 -28.85 -14.38
C SER B 128 14.85 -29.59 -13.04
N PRO B 129 14.11 -30.70 -13.01
CA PRO B 129 13.92 -31.43 -11.75
C PRO B 129 15.23 -31.75 -11.02
N ASN B 130 15.30 -31.31 -9.76
CA ASN B 130 16.36 -31.63 -8.80
C ASN B 130 17.70 -30.97 -9.10
N TYR B 131 17.73 -30.01 -10.02
CA TYR B 131 18.92 -29.16 -10.22
C TYR B 131 19.36 -28.53 -8.89
N VAL B 132 20.67 -28.44 -8.68
CA VAL B 132 21.22 -27.86 -7.45
C VAL B 132 21.97 -26.59 -7.79
N VAL B 133 21.47 -25.43 -7.36
CA VAL B 133 22.15 -24.16 -7.68
C VAL B 133 23.48 -24.10 -6.95
N ALA B 134 24.54 -23.73 -7.66
CA ALA B 134 25.88 -23.83 -7.10
C ALA B 134 26.14 -22.80 -6.01
N ASP B 135 27.00 -23.17 -5.08
CA ASP B 135 27.53 -22.24 -4.10
C ASP B 135 28.02 -20.97 -4.80
N ARG B 136 27.73 -19.82 -4.21
CA ARG B 136 28.13 -18.49 -4.63
C ARG B 136 27.45 -17.98 -5.91
N THR B 137 26.50 -18.71 -6.48
CA THR B 137 25.72 -18.16 -7.59
C THR B 137 25.05 -16.87 -7.15
N GLU B 138 25.20 -15.81 -7.95
CA GLU B 138 24.52 -14.57 -7.63
C GLU B 138 23.10 -14.61 -8.17
N CYS B 139 22.14 -14.38 -7.29
CA CYS B 139 20.74 -14.42 -7.67
C CYS B 139 20.10 -13.13 -7.22
N PHE B 140 18.83 -12.94 -7.60
CA PHE B 140 18.06 -11.77 -7.21
C PHE B 140 16.80 -12.20 -6.47
N ILE B 141 16.52 -11.49 -5.39
CA ILE B 141 15.23 -11.58 -4.71
C ILE B 141 14.51 -10.25 -4.90
N THR B 142 13.18 -10.30 -4.97
CA THR B 142 12.39 -9.10 -5.21
C THR B 142 11.13 -9.13 -4.35
N GLY B 143 10.61 -7.93 -4.07
CA GLY B 143 9.37 -7.87 -3.28
C GLY B 143 9.05 -6.49 -2.73
N TRP B 144 7.90 -6.36 -2.08
CA TRP B 144 7.44 -5.07 -1.51
C TRP B 144 7.43 -5.09 0.01
N GLY B 145 8.07 -6.07 0.61
CA GLY B 145 7.95 -6.21 2.08
C GLY B 145 8.69 -5.20 2.93
N GLU B 146 8.82 -5.54 4.21
CA GLU B 146 9.48 -4.66 5.20
C GLU B 146 10.83 -4.15 4.68
N THR B 147 11.16 -2.89 4.98
CA THR B 147 12.47 -2.31 4.59
C THR B 147 13.32 -1.95 5.82
N GLN B 148 12.74 -1.98 7.02
CA GLN B 148 13.51 -1.71 8.27
C GLN B 148 14.27 -0.39 8.14
N GLY B 149 13.65 0.64 7.54
CA GLY B 149 14.28 1.96 7.44
C GLY B 149 15.37 2.00 6.39
N THR B 150 15.19 1.26 5.29
CA THR B 150 16.25 1.18 4.24
C THR B 150 15.85 1.94 2.99
N PHE B 151 14.65 2.52 2.96
CA PHE B 151 14.16 3.28 1.79
C PHE B 151 13.52 2.33 0.78
N GLY B 152 12.68 2.87 -0.09
CA GLY B 152 12.03 2.06 -1.15
C GLY B 152 10.59 1.67 -0.83
N ALA B 153 10.07 2.05 0.35
CA ALA B 153 8.71 1.63 0.75
C ALA B 153 7.67 2.05 -0.30
N GLY B 154 6.79 1.12 -0.71
CA GLY B 154 5.77 1.39 -1.75
C GLY B 154 6.17 0.88 -3.11
N LEU B 155 7.48 0.84 -3.41
CA LEU B 155 7.95 0.49 -4.76
C LEU B 155 8.63 -0.88 -4.70
N LEU B 156 8.62 -1.58 -5.84
CA LEU B 156 9.21 -2.93 -5.87
C LEU B 156 10.71 -2.82 -5.68
N LYS B 157 11.21 -3.61 -4.75
CA LYS B 157 12.64 -3.60 -4.47
C LYS B 157 13.28 -4.92 -4.87
N GLU B 158 14.60 -4.88 -4.94
CA GLU B 158 15.41 -6.04 -5.30
C GLU B 158 16.66 -6.07 -4.42
N ALA B 159 17.24 -7.27 -4.32
CA ALA B 159 18.57 -7.42 -3.74
C ALA B 159 19.29 -8.53 -4.47
N GLN B 160 20.58 -8.34 -4.70
CA GLN B 160 21.43 -9.37 -5.29
C GLN B 160 22.12 -10.10 -4.16
N LEU B 161 21.90 -11.42 -4.06
CA LEU B 161 22.44 -12.19 -2.95
C LEU B 161 23.12 -13.44 -3.48
N PRO B 162 24.25 -13.85 -2.90
CA PRO B 162 24.87 -15.11 -3.30
C PRO B 162 24.23 -16.30 -2.61
N VAL B 163 24.12 -17.40 -3.38
CA VAL B 163 23.72 -18.68 -2.81
C VAL B 163 24.82 -19.19 -1.91
N ILE B 164 24.43 -19.79 -0.79
CA ILE B 164 25.33 -20.44 0.14
C ILE B 164 24.93 -21.91 0.19
N GLU B 165 25.87 -22.77 -0.19
CA GLU B 165 25.56 -24.22 -0.21
C GLU B 165 25.03 -24.68 1.16
N ASN B 166 24.12 -25.63 1.15
CA ASN B 166 23.45 -26.07 2.40
C ASN B 166 24.47 -26.54 3.45
N LYS B 167 25.51 -27.23 3.01
CA LYS B 167 26.48 -27.81 3.99
C LYS B 167 27.13 -26.67 4.78
N VAL B 168 27.33 -25.50 4.13
CA VAL B 168 27.93 -24.33 4.82
C VAL B 168 26.83 -23.62 5.63
N CYS B 169 25.68 -23.41 5.02
CA CYS B 169 24.57 -22.68 5.69
C CYS B 169 24.16 -23.39 6.99
N ASN B 170 24.35 -24.71 7.01
CA ASN B 170 23.92 -25.49 8.20
C ASN B 170 25.02 -25.51 9.26
N ARG B 171 26.16 -24.89 8.99
CA ARG B 171 27.16 -24.87 10.05
C ARG B 171 26.71 -24.04 11.25
N TYR B 172 27.31 -24.36 12.42
CA TYR B 172 26.91 -23.71 13.66
C TYR B 172 26.85 -22.20 13.54
N GLU B 173 27.86 -21.58 12.92
CA GLU B 173 27.95 -20.12 12.86
C GLU B 173 26.82 -19.50 12.06
N PHE B 174 26.18 -20.26 11.18
CA PHE B 174 25.11 -19.75 10.34
C PHE B 174 23.79 -20.29 10.87
N LEU B 175 23.18 -21.29 10.22
CA LEU B 175 21.84 -21.75 10.61
C LEU B 175 21.82 -23.07 11.39
N ASN B 176 22.99 -23.66 11.66
CA ASN B 176 23.11 -24.70 12.69
C ASN B 176 22.10 -25.84 12.52
N GLY B 177 22.13 -26.45 11.34
CA GLY B 177 21.37 -27.67 11.09
C GLY B 177 19.92 -27.50 10.74
N ARG B 178 19.43 -26.28 10.59
CA ARG B 178 18.01 -26.07 10.40
C ARG B 178 17.52 -26.27 8.97
N VAL B 179 18.41 -26.33 7.99
CA VAL B 179 18.03 -26.22 6.59
C VAL B 179 17.89 -27.61 5.97
N GLN B 180 16.75 -27.86 5.33
CA GLN B 180 16.47 -29.15 4.69
C GLN B 180 17.01 -29.18 3.26
N SER B 181 17.16 -30.40 2.72
CA SER B 181 17.64 -30.50 1.34
C SER B 181 16.65 -29.91 0.33
N THR B 182 15.37 -29.81 0.70
CA THR B 182 14.37 -29.18 -0.14
C THR B 182 14.33 -27.66 0.03
N GLU B 183 15.34 -27.09 0.66
CA GLU B 183 15.52 -25.67 0.82
C GLU B 183 16.91 -25.30 0.31
N LEU B 184 17.12 -24.01 0.07
CA LEU B 184 18.42 -23.47 -0.26
C LEU B 184 18.62 -22.18 0.52
N CYS B 185 19.85 -21.71 0.69
CA CYS B 185 20.20 -20.51 1.44
C CYS B 185 20.80 -19.47 0.52
N ALA B 186 20.53 -18.25 0.85
CA ALA B 186 21.15 -17.15 0.10
C ALA B 186 21.25 -15.96 1.03
N GLY B 187 22.35 -15.23 0.95
CA GLY B 187 22.41 -14.08 1.83
C GLY B 187 23.72 -13.35 1.81
N HIS B 188 23.68 -12.10 2.26
CA HIS B 188 24.85 -11.25 2.42
C HIS B 188 25.25 -11.34 3.89
N LEU B 189 26.34 -12.06 4.17
CA LEU B 189 26.64 -12.45 5.54
C LEU B 189 27.08 -11.28 6.40
N ALA B 190 27.53 -10.16 5.81
CA ALA B 190 27.84 -8.99 6.63
C ALA B 190 26.60 -8.31 7.19
N GLY B 191 25.40 -8.67 6.73
CA GLY B 191 24.18 -8.08 7.21
C GLY B 191 23.75 -6.86 6.41
N GLY B 192 22.48 -6.47 6.62
CA GLY B 192 21.92 -5.23 6.12
C GLY B 192 21.11 -5.31 4.85
N THR B 193 21.15 -6.44 4.14
CA THR B 193 20.38 -6.62 2.89
C THR B 193 19.74 -7.99 2.91
N ASP B 194 18.42 -8.05 2.70
CA ASP B 194 17.74 -9.34 2.83
C ASP B 194 16.29 -9.18 2.39
N SER B 195 15.68 -10.30 1.98
CA SER B 195 14.23 -10.34 1.90
C SER B 195 13.65 -10.34 3.33
N CYS B 196 12.40 -9.91 3.47
CA CYS B 196 11.83 -9.87 4.82
C CYS B 196 10.34 -10.16 4.76
N GLN B 197 9.66 -9.94 5.89
CA GLN B 197 8.22 -10.10 5.91
C GLN B 197 7.58 -9.19 4.88
N GLY B 198 6.63 -9.75 4.16
CA GLY B 198 6.02 -9.11 3.02
C GLY B 198 6.60 -9.57 1.71
N ASP B 199 7.84 -10.08 1.72
CA ASP B 199 8.45 -10.68 0.55
C ASP B 199 8.23 -12.18 0.45
N ALA B 200 7.79 -12.82 1.52
CA ALA B 200 7.58 -14.27 1.50
C ALA B 200 6.70 -14.65 0.32
N GLY B 201 6.99 -15.83 -0.23
CA GLY B 201 6.27 -16.33 -1.38
C GLY B 201 6.79 -15.83 -2.70
N GLY B 202 7.60 -14.75 -2.69
CA GLY B 202 8.14 -14.20 -3.92
C GLY B 202 9.35 -14.96 -4.42
N PRO B 203 9.88 -14.46 -5.53
CA PRO B 203 10.93 -15.18 -6.26
C PRO B 203 12.35 -14.95 -5.76
N LEU B 204 13.14 -16.03 -5.89
CA LEU B 204 14.60 -15.96 -5.99
C LEU B 204 14.94 -16.50 -7.38
N VAL B 205 15.46 -15.64 -8.24
CA VAL B 205 15.77 -16.02 -9.63
C VAL B 205 17.28 -15.94 -9.85
N CYS B 206 17.77 -16.80 -10.73
CA CYS B 206 19.19 -16.77 -11.08
C CYS B 206 19.31 -16.75 -12.61
N PHE B 207 20.18 -15.87 -13.09
CA PHE B 207 20.39 -15.76 -14.55
C PHE B 207 21.17 -16.98 -15.04
N GLU B 208 20.71 -17.58 -16.14
CA GLU B 208 21.33 -18.80 -16.68
C GLU B 208 21.40 -18.70 -18.20
N LYS B 209 22.57 -18.36 -18.75
CA LYS B 209 22.80 -18.29 -20.22
C LYS B 209 22.03 -17.13 -20.86
N ASP B 210 20.70 -17.16 -20.85
CA ASP B 210 19.94 -16.12 -21.59
C ASP B 210 18.61 -15.79 -20.93
N LYS B 211 18.39 -16.27 -19.71
CA LYS B 211 17.09 -16.05 -19.11
C LYS B 211 17.20 -16.29 -17.62
N TYR B 212 16.18 -15.84 -16.90
CA TYR B 212 16.12 -16.02 -15.46
C TYR B 212 15.34 -17.28 -15.11
N ILE B 213 15.91 -18.09 -14.22
CA ILE B 213 15.27 -19.31 -13.72
C ILE B 213 14.82 -19.09 -12.29
N LEU B 214 13.58 -19.50 -11.99
CA LEU B 214 13.08 -19.43 -10.63
C LEU B 214 13.64 -20.59 -9.82
N GLN B 215 14.58 -20.30 -8.93
CA GLN B 215 15.23 -21.35 -8.17
C GLN B 215 14.76 -21.44 -6.73
N GLY B 216 14.22 -20.35 -6.16
CA GLY B 216 13.76 -20.39 -4.78
C GLY B 216 12.48 -19.61 -4.58
N VAL B 217 11.77 -19.97 -3.52
CA VAL B 217 10.60 -19.24 -3.05
C VAL B 217 10.91 -18.73 -1.65
N THR B 218 10.86 -17.40 -1.48
CA THR B 218 11.17 -16.80 -0.17
C THR B 218 10.32 -17.42 0.93
N SER B 219 10.99 -17.93 1.99
CA SER B 219 10.25 -18.70 2.98
C SER B 219 10.43 -18.20 4.42
N TRP B 220 11.65 -18.25 4.97
CA TRP B 220 11.85 -17.93 6.39
C TRP B 220 13.30 -17.51 6.65
N GLY B 221 13.53 -17.02 7.85
CA GLY B 221 14.89 -16.71 8.29
C GLY B 221 14.88 -16.42 9.78
N LEU B 222 16.08 -16.40 10.35
CA LEU B 222 16.25 -15.99 11.75
C LEU B 222 16.40 -14.48 11.74
N GLY B 223 15.28 -13.78 11.83
CA GLY B 223 15.30 -12.35 11.60
C GLY B 223 15.48 -12.06 10.13
N CYS B 224 15.78 -10.80 9.84
CA CYS B 224 16.07 -10.31 8.49
C CYS B 224 17.35 -9.51 8.54
N ALA B 225 18.23 -9.77 7.58
CA ALA B 225 19.41 -8.94 7.34
C ALA B 225 20.37 -8.94 8.51
N ARG B 226 20.28 -9.92 9.41
CA ARG B 226 21.26 -10.01 10.49
C ARG B 226 22.55 -10.62 9.97
N PRO B 227 23.70 -10.16 10.44
CA PRO B 227 24.97 -10.80 10.05
C PRO B 227 24.93 -12.29 10.32
N ASN B 228 25.53 -13.06 9.41
CA ASN B 228 25.76 -14.49 9.58
C ASN B 228 24.47 -15.27 9.73
N LYS B 229 23.39 -14.73 9.17
CA LYS B 229 22.08 -15.38 9.23
C LYS B 229 21.42 -15.25 7.87
N PRO B 230 21.80 -16.10 6.93
CA PRO B 230 21.24 -16.01 5.57
C PRO B 230 19.79 -16.48 5.53
N GLY B 231 19.05 -15.96 4.56
CA GLY B 231 17.67 -16.36 4.41
C GLY B 231 17.50 -17.74 3.79
N VAL B 232 16.34 -18.34 4.04
CA VAL B 232 16.05 -19.70 3.59
C VAL B 232 14.89 -19.64 2.60
N TYR B 233 15.05 -20.37 1.51
CA TYR B 233 14.15 -20.38 0.35
C TYR B 233 13.78 -21.81 0.04
N VAL B 234 12.53 -22.06 -0.34
CA VAL B 234 12.18 -23.40 -0.81
C VAL B 234 12.90 -23.64 -2.14
N ARG B 235 13.48 -24.83 -2.28
CA ARG B 235 14.28 -25.18 -3.46
C ARG B 235 13.34 -25.65 -4.57
N VAL B 236 13.03 -24.74 -5.51
CA VAL B 236 11.96 -25.00 -6.48
C VAL B 236 12.22 -26.26 -7.29
N SER B 237 13.49 -26.56 -7.61
CA SER B 237 13.74 -27.72 -8.46
C SER B 237 13.25 -29.02 -7.85
N ARG B 238 13.12 -29.09 -6.52
CA ARG B 238 12.65 -30.32 -5.89
C ARG B 238 11.13 -30.47 -5.98
N PHE B 239 10.45 -29.44 -6.49
CA PHE B 239 9.00 -29.50 -6.59
C PHE B 239 8.50 -29.34 -8.02
N VAL B 240 9.41 -29.30 -9.00
CA VAL B 240 8.99 -29.11 -10.39
C VAL B 240 8.08 -30.23 -10.86
N THR B 241 8.39 -31.49 -10.52
CA THR B 241 7.53 -32.58 -10.96
C THR B 241 6.14 -32.44 -10.36
N TRP B 242 6.06 -32.08 -9.08
CA TRP B 242 4.75 -31.87 -8.47
C TRP B 242 4.00 -30.71 -9.15
N ILE B 243 4.71 -29.61 -9.40
CA ILE B 243 4.09 -28.44 -10.02
C ILE B 243 3.55 -28.78 -11.39
N GLU B 244 4.35 -29.47 -12.20
CA GLU B 244 3.91 -29.82 -13.54
C GLU B 244 2.70 -30.75 -13.49
N GLY B 245 2.66 -31.67 -12.51
CA GLY B 245 1.51 -32.55 -12.39
C GLY B 245 0.24 -31.80 -12.04
N VAL B 246 0.34 -30.85 -11.13
CA VAL B 246 -0.84 -30.04 -10.78
C VAL B 246 -1.34 -29.26 -11.99
N MET B 247 -0.42 -28.62 -12.72
CA MET B 247 -0.86 -27.84 -13.87
C MET B 247 -1.47 -28.74 -14.95
N ARG B 248 -0.89 -29.93 -15.14
CA ARG B 248 -1.41 -30.83 -16.16
C ARG B 248 -2.84 -31.27 -15.84
N ASN B 249 -3.12 -31.54 -14.58
CA ASN B 249 -4.35 -32.22 -14.19
C ASN B 249 -5.40 -31.29 -13.61
N ASN B 250 -5.17 -29.98 -13.63
CA ASN B 250 -6.17 -29.05 -13.11
C ASN B 250 -6.34 -27.82 -13.97
#